data_6SD6
#
_entry.id   6SD6
#
_cell.length_a   95.873
_cell.length_b   95.873
_cell.length_c   116.389
_cell.angle_alpha   90.000
_cell.angle_beta   90.000
_cell.angle_gamma   120.000
#
_symmetry.space_group_name_H-M   'P 32 2 1'
#
loop_
_entity.id
_entity.type
_entity.pdbx_description
1 polymer Antitoxin
2 polymer 'tRNA(fMet)-specific endonuclease VapC'
3 water water
#
loop_
_entity_poly.entity_id
_entity_poly.type
_entity_poly.pdbx_seq_one_letter_code
_entity_poly.pdbx_strand_id
1 'polypeptide(L)' METTVFLSNRSQAVRLPKAVALPENVKRVEVIAVGRTRIITPAGETWDEWFDGHSVSADFMDNREQPGMQERESF A,B
2 'polypeptide(L)'
;MGSSHHHHHHSSGLVPRGSHMLKFMLDTNICIFTIKNKPASVRERFNLNQGRMCISSVTLMELIYGAEKSQMPERNLAVI
EGFVSRIDVLDYDAAAATHTGQIRAELARQGRPVGPFDQMIAGHARSRGLIIVTNNTREFERVGGLRTEDWS
;
C,D
#
# COMPACT_ATOMS: atom_id res chain seq x y z
N MET A 1 27.07 3.00 -16.75
CA MET A 1 26.83 4.43 -16.94
C MET A 1 28.09 5.22 -16.58
N GLU A 2 28.65 5.91 -17.56
CA GLU A 2 29.95 6.56 -17.40
C GLU A 2 29.77 7.93 -16.73
N THR A 3 30.57 8.17 -15.69
CA THR A 3 30.54 9.44 -14.97
C THR A 3 31.90 10.10 -15.01
N THR A 4 32.18 11.00 -14.07
CA THR A 4 33.46 11.70 -14.02
C THR A 4 33.88 11.90 -12.58
N VAL A 5 35.19 11.85 -12.35
CA VAL A 5 35.78 12.04 -11.02
C VAL A 5 36.27 13.47 -10.89
N PHE A 6 36.06 14.06 -9.73
CA PHE A 6 36.49 15.43 -9.47
C PHE A 6 37.19 15.46 -8.11
N LEU A 7 37.32 16.65 -7.54
CA LEU A 7 37.94 16.84 -6.23
C LEU A 7 37.06 17.77 -5.42
N SER A 8 36.80 17.40 -4.16
CA SER A 8 36.00 18.21 -3.26
C SER A 8 36.71 18.23 -1.91
N ASN A 9 36.99 19.45 -1.42
CA ASN A 9 37.74 19.65 -0.17
C ASN A 9 39.13 19.05 -0.37
N ARG A 10 39.59 18.18 0.52
CA ARG A 10 40.97 17.70 0.49
C ARG A 10 41.14 16.35 -0.21
N SER A 11 40.04 15.71 -0.63
CA SER A 11 40.12 14.33 -1.10
C SER A 11 39.41 14.17 -2.44
N GLN A 12 39.52 12.97 -2.98
CA GLN A 12 38.90 12.57 -4.24
C GLN A 12 37.45 12.16 -4.01
N ALA A 13 36.65 12.23 -5.06
CA ALA A 13 35.23 11.91 -4.96
C ALA A 13 34.71 11.45 -6.32
N VAL A 14 33.86 10.41 -6.29
CA VAL A 14 33.26 9.84 -7.49
C VAL A 14 31.82 10.31 -7.60
N ARG A 15 31.39 10.57 -8.84
CA ARG A 15 30.11 11.20 -9.14
C ARG A 15 29.08 10.13 -9.45
N LEU A 16 28.10 9.95 -8.55
CA LEU A 16 27.09 8.91 -8.71
C LEU A 16 25.80 9.51 -9.26
N PRO A 17 25.44 9.27 -10.53
CA PRO A 17 24.21 9.87 -11.07
C PRO A 17 22.94 9.29 -10.47
N LYS A 18 21.79 9.67 -11.06
CA LYS A 18 20.50 9.35 -10.45
C LYS A 18 20.14 7.88 -10.64
N ALA A 19 20.47 7.30 -11.79
CA ALA A 19 20.01 5.94 -12.09
C ALA A 19 20.68 4.89 -11.21
N VAL A 20 21.87 5.18 -10.68
CA VAL A 20 22.59 4.22 -9.85
C VAL A 20 22.82 4.81 -8.48
N ALA A 21 21.93 5.71 -8.04
CA ALA A 21 22.10 6.36 -6.76
C ALA A 21 21.71 5.43 -5.61
N LEU A 22 22.24 5.75 -4.41
CA LEU A 22 22.03 5.06 -3.15
C LEU A 22 20.83 5.64 -2.42
N PRO A 23 20.12 4.81 -1.64
CA PRO A 23 19.01 5.34 -0.83
C PRO A 23 19.53 6.27 0.27
N GLU A 24 18.61 7.06 0.80
CA GLU A 24 18.98 8.04 1.82
C GLU A 24 19.34 7.40 3.15
N ASN A 25 19.00 6.12 3.33
CA ASN A 25 19.47 5.40 4.52
C ASN A 25 20.99 5.42 4.62
N VAL A 26 21.66 5.39 3.48
CA VAL A 26 23.10 5.19 3.43
C VAL A 26 23.80 6.54 3.43
N LYS A 27 24.59 6.80 4.48
CA LYS A 27 25.51 7.91 4.53
C LYS A 27 26.94 7.46 4.82
N ARG A 28 27.17 6.16 4.93
CA ARG A 28 28.46 5.61 5.30
C ARG A 28 28.64 4.29 4.58
N VAL A 29 29.65 4.21 3.72
CA VAL A 29 29.90 3.02 2.91
C VAL A 29 31.33 2.55 3.10
N GLU A 30 31.53 1.24 3.00
CA GLU A 30 32.85 0.63 3.06
C GLU A 30 33.36 0.39 1.65
N VAL A 31 34.57 0.85 1.37
CA VAL A 31 35.16 0.77 0.04
C VAL A 31 36.36 -0.17 0.08
N ILE A 32 36.44 -1.08 -0.89
CA ILE A 32 37.51 -2.05 -0.99
C ILE A 32 38.11 -1.97 -2.39
N ALA A 33 39.43 -2.00 -2.47
CA ALA A 33 40.15 -1.84 -3.73
C ALA A 33 40.49 -3.20 -4.32
N VAL A 34 40.09 -3.43 -5.57
CA VAL A 34 40.43 -4.64 -6.31
C VAL A 34 41.11 -4.18 -7.59
N GLY A 35 42.43 -4.11 -7.56
CA GLY A 35 43.16 -3.70 -8.74
C GLY A 35 42.88 -2.23 -9.04
N ARG A 36 42.38 -1.97 -10.24
CA ARG A 36 41.97 -0.62 -10.64
C ARG A 36 40.50 -0.35 -10.36
N THR A 37 39.83 -1.26 -9.67
CA THR A 37 38.39 -1.16 -9.42
C THR A 37 38.14 -0.94 -7.92
N ARG A 38 37.17 -0.08 -7.63
CA ARG A 38 36.76 0.20 -6.26
C ARG A 38 35.31 -0.24 -6.07
N ILE A 39 35.05 -1.03 -5.03
CA ILE A 39 33.73 -1.59 -4.76
C ILE A 39 33.19 -0.93 -3.49
N ILE A 40 32.00 -0.34 -3.58
CA ILE A 40 31.36 0.33 -2.46
C ILE A 40 30.14 -0.47 -2.05
N THR A 41 29.97 -0.64 -0.74
CA THR A 41 28.81 -1.31 -0.15
C THR A 41 28.39 -0.53 1.09
N PRO A 42 27.10 -0.49 1.40
CA PRO A 42 26.65 0.15 2.65
C PRO A 42 27.32 -0.49 3.86
N ALA A 43 27.48 0.31 4.91
CA ALA A 43 28.30 -0.09 6.03
C ALA A 43 27.46 -0.72 7.14
N GLY A 44 28.06 -1.70 7.82
CA GLY A 44 27.48 -2.27 9.02
C GLY A 44 26.22 -3.08 8.82
N GLU A 45 26.06 -3.72 7.67
CA GLU A 45 24.88 -4.54 7.44
C GLU A 45 25.23 -6.02 7.30
N THR A 46 25.86 -6.58 8.33
CA THR A 46 26.15 -8.01 8.38
C THR A 46 25.23 -8.65 9.43
N TRP A 47 24.57 -9.75 9.03
CA TRP A 47 23.61 -10.39 9.92
C TRP A 47 24.28 -10.89 11.20
N ASP A 48 25.51 -11.39 11.10
CA ASP A 48 26.21 -11.90 12.28
C ASP A 48 26.45 -10.80 13.31
N GLU A 49 26.51 -9.55 12.87
CA GLU A 49 26.67 -8.43 13.81
C GLU A 49 25.33 -8.03 14.41
N TRP A 50 24.26 -8.10 13.62
CA TRP A 50 22.95 -7.69 14.14
C TRP A 50 22.41 -8.71 15.15
N PHE A 51 22.61 -10.00 14.88
CA PHE A 51 22.15 -11.02 15.82
C PHE A 51 22.89 -10.93 17.16
N ASP A 52 24.10 -10.39 17.15
CA ASP A 52 24.87 -10.16 18.37
C ASP A 52 24.83 -8.71 18.83
N GLY A 53 24.15 -7.84 18.09
CA GLY A 53 24.10 -6.42 18.42
C GLY A 53 23.10 -6.10 19.51
N HIS A 54 22.61 -4.86 19.48
CA HIS A 54 21.65 -4.40 20.48
C HIS A 54 20.39 -5.26 20.46
N SER A 55 19.88 -5.58 21.64
CA SER A 55 18.71 -6.42 21.79
C SER A 55 17.48 -5.57 22.12
N VAL A 56 16.32 -6.20 21.98
CA VAL A 56 15.03 -5.54 22.17
C VAL A 56 14.55 -5.78 23.58
N SER A 57 13.79 -4.82 24.12
CA SER A 57 13.31 -4.90 25.49
C SER A 57 12.37 -6.10 25.67
N ALA A 58 12.22 -6.52 26.92
CA ALA A 58 11.51 -7.77 27.21
C ALA A 58 10.01 -7.68 26.97
N ASP A 59 9.45 -6.48 26.89
CA ASP A 59 8.01 -6.33 26.72
C ASP A 59 7.58 -6.16 25.27
N PHE A 60 8.53 -6.01 24.34
CA PHE A 60 8.21 -5.67 22.96
C PHE A 60 7.42 -6.80 22.30
N MET A 61 6.19 -6.46 21.88
CA MET A 61 5.34 -7.37 21.12
C MET A 61 5.05 -8.67 21.87
N ASP A 62 5.00 -8.60 23.21
CA ASP A 62 4.52 -9.75 23.97
C ASP A 62 3.07 -10.08 23.62
N ASN A 63 2.32 -9.10 23.10
CA ASN A 63 0.97 -9.30 22.62
C ASN A 63 0.84 -8.61 21.27
N ARG A 64 0.89 -9.39 20.19
CA ARG A 64 0.47 -8.88 18.88
C ARG A 64 -1.03 -8.64 18.90
N GLU A 65 -1.42 -7.39 18.59
CA GLU A 65 -2.80 -6.94 18.72
C GLU A 65 -3.44 -6.85 17.34
N GLN A 66 -3.58 -8.03 16.74
CA GLN A 66 -4.31 -8.22 15.51
C GLN A 66 -5.74 -8.58 15.87
N PRO A 67 -6.73 -7.79 15.47
CA PRO A 67 -8.12 -8.09 15.83
C PRO A 67 -8.60 -9.40 15.20
N GLY A 68 -9.65 -9.95 15.80
CA GLY A 68 -10.24 -11.19 15.32
C GLY A 68 -10.27 -12.26 16.38
N MET B 1 24.07 30.44 -39.24
CA MET B 1 23.55 29.44 -38.32
C MET B 1 22.97 28.24 -39.06
N GLU B 2 22.64 27.19 -38.33
CA GLU B 2 22.17 25.94 -38.92
C GLU B 2 21.14 25.30 -37.99
N THR B 3 19.94 25.04 -38.53
CA THR B 3 18.86 24.44 -37.75
C THR B 3 18.35 23.22 -38.52
N THR B 4 17.17 22.75 -38.13
CA THR B 4 16.63 21.49 -38.62
C THR B 4 15.20 21.66 -39.12
N VAL B 5 14.81 20.76 -40.01
CA VAL B 5 13.43 20.65 -40.49
C VAL B 5 12.76 19.51 -39.74
N PHE B 6 11.51 19.73 -39.31
CA PHE B 6 10.76 18.70 -38.60
C PHE B 6 9.31 18.75 -39.01
N LEU B 7 8.54 17.77 -38.53
CA LEU B 7 7.10 17.70 -38.76
C LEU B 7 6.37 18.03 -37.47
N SER B 8 5.26 18.74 -37.61
CA SER B 8 4.46 19.13 -36.45
C SER B 8 3.86 17.91 -35.76
N ASN B 9 3.48 18.10 -34.50
CA ASN B 9 3.04 17.00 -33.66
C ASN B 9 1.57 16.67 -33.91
N ARG B 10 1.30 15.39 -34.17
CA ARG B 10 -0.02 14.87 -34.45
C ARG B 10 -0.60 14.23 -33.19
N SER B 11 -1.77 13.60 -33.32
CA SER B 11 -2.40 12.89 -32.22
C SER B 11 -3.62 12.13 -32.75
N GLN B 12 -4.01 11.10 -32.02
CA GLN B 12 -5.03 10.15 -32.46
C GLN B 12 -6.43 10.64 -32.07
N ALA B 13 -7.26 10.90 -33.08
CA ALA B 13 -8.58 11.47 -32.87
C ALA B 13 -9.68 10.52 -33.32
N VAL B 14 -10.88 10.73 -32.79
CA VAL B 14 -12.09 10.04 -33.20
C VAL B 14 -13.06 11.06 -33.76
N ARG B 15 -13.77 10.69 -34.82
CA ARG B 15 -14.72 11.56 -35.48
C ARG B 15 -16.13 11.29 -34.97
N LEU B 16 -16.92 12.36 -34.85
CA LEU B 16 -18.33 12.24 -34.45
C LEU B 16 -19.22 12.80 -35.55
N PRO B 17 -19.87 11.96 -36.35
CA PRO B 17 -20.87 12.45 -37.30
C PRO B 17 -22.02 13.14 -36.57
N LYS B 18 -22.85 13.84 -37.36
CA LYS B 18 -23.82 14.75 -36.79
C LYS B 18 -24.91 14.06 -35.98
N ALA B 19 -25.16 12.77 -36.23
CA ALA B 19 -26.20 12.07 -35.49
C ALA B 19 -25.82 11.81 -34.04
N VAL B 20 -24.53 11.89 -33.70
CA VAL B 20 -24.06 11.60 -32.35
C VAL B 20 -23.16 12.75 -31.88
N ALA B 21 -23.20 13.86 -32.60
CA ALA B 21 -22.38 15.01 -32.26
C ALA B 21 -22.78 15.59 -30.91
N LEU B 22 -21.83 16.25 -30.25
CA LEU B 22 -22.06 16.89 -28.97
C LEU B 22 -22.65 18.29 -29.16
N PRO B 23 -23.43 18.78 -28.19
CA PRO B 23 -24.04 20.11 -28.33
C PRO B 23 -22.97 21.21 -28.43
N GLU B 24 -23.45 22.41 -28.72
CA GLU B 24 -22.55 23.54 -28.95
C GLU B 24 -22.01 24.12 -27.65
N ASN B 25 -22.69 23.90 -26.53
CA ASN B 25 -22.24 24.46 -25.26
C ASN B 25 -20.92 23.88 -24.78
N VAL B 26 -20.56 22.68 -25.23
CA VAL B 26 -19.35 22.01 -24.74
C VAL B 26 -18.21 22.30 -25.72
N LYS B 27 -17.25 23.12 -25.29
CA LYS B 27 -16.02 23.33 -26.01
C LYS B 27 -14.83 22.63 -25.37
N ARG B 28 -14.92 22.26 -24.10
CA ARG B 28 -13.93 21.45 -23.42
C ARG B 28 -14.59 20.16 -22.94
N VAL B 29 -13.81 19.08 -22.94
CA VAL B 29 -14.35 17.74 -22.74
C VAL B 29 -13.36 16.91 -21.92
N GLU B 30 -13.89 16.12 -21.00
CA GLU B 30 -13.10 15.20 -20.19
C GLU B 30 -13.18 13.79 -20.78
N VAL B 31 -12.03 13.12 -20.87
CA VAL B 31 -11.95 11.76 -21.40
C VAL B 31 -11.43 10.85 -20.29
N ILE B 32 -12.05 9.67 -20.17
CA ILE B 32 -11.70 8.70 -19.14
C ILE B 32 -11.54 7.33 -19.80
N ALA B 33 -10.50 6.60 -19.43
CA ALA B 33 -10.21 5.29 -19.99
C ALA B 33 -10.72 4.21 -19.03
N VAL B 34 -11.75 3.49 -19.47
CA VAL B 34 -12.28 2.37 -18.70
C VAL B 34 -12.00 1.08 -19.45
N GLY B 35 -10.88 0.45 -19.14
CA GLY B 35 -10.55 -0.79 -19.81
C GLY B 35 -10.18 -0.51 -21.26
N ARG B 36 -10.88 -1.15 -22.17
CA ARG B 36 -10.68 -0.96 -23.61
C ARG B 36 -11.46 0.22 -24.17
N THR B 37 -12.43 0.74 -23.42
CA THR B 37 -13.31 1.81 -23.88
C THR B 37 -12.81 3.15 -23.37
N ARG B 38 -13.43 4.22 -23.88
CA ARG B 38 -13.19 5.56 -23.40
C ARG B 38 -14.50 6.33 -23.37
N ILE B 39 -14.63 7.23 -22.40
CA ILE B 39 -15.87 7.93 -22.12
C ILE B 39 -15.64 9.42 -22.32
N ILE B 40 -16.49 10.05 -23.13
CA ILE B 40 -16.35 11.44 -23.52
C ILE B 40 -17.47 12.22 -22.83
N THR B 41 -17.10 13.05 -21.86
CA THR B 41 -18.05 13.82 -21.08
C THR B 41 -17.76 15.31 -21.18
N PRO B 42 -18.75 16.17 -20.93
CA PRO B 42 -18.47 17.60 -20.75
C PRO B 42 -17.49 17.82 -19.60
N ALA B 43 -16.96 19.04 -19.53
CA ALA B 43 -15.87 19.34 -18.61
C ALA B 43 -16.26 19.08 -17.16
N GLY B 44 -17.33 19.72 -16.69
CA GLY B 44 -17.70 19.63 -15.29
C GLY B 44 -18.81 18.64 -14.99
N GLU B 45 -19.03 17.69 -15.88
CA GLU B 45 -20.09 16.69 -15.75
C GLU B 45 -19.53 15.29 -15.97
N THR B 46 -18.38 15.01 -15.34
CA THR B 46 -17.66 13.78 -15.62
C THR B 46 -18.31 12.57 -14.98
N TRP B 47 -19.07 12.75 -13.90
CA TRP B 47 -19.64 11.63 -13.15
C TRP B 47 -21.08 11.32 -13.52
N ASP B 48 -21.72 12.13 -14.37
CA ASP B 48 -23.14 11.93 -14.65
C ASP B 48 -23.41 10.59 -15.30
N GLU B 49 -22.50 10.12 -16.16
CA GLU B 49 -22.71 8.85 -16.84
C GLU B 49 -22.66 7.68 -15.85
N TRP B 50 -21.72 7.72 -14.89
CA TRP B 50 -21.61 6.66 -13.91
C TRP B 50 -22.76 6.67 -12.90
N PHE B 51 -23.39 7.82 -12.68
CA PHE B 51 -24.46 7.90 -11.70
C PHE B 51 -25.80 7.45 -12.27
N ASP B 52 -26.08 7.79 -13.52
CA ASP B 52 -27.39 7.51 -14.11
C ASP B 52 -27.52 6.06 -14.58
N GLY B 53 -26.42 5.32 -14.68
CA GLY B 53 -26.44 3.90 -14.98
C GLY B 53 -25.61 3.14 -13.97
N HIS B 54 -25.02 2.05 -14.45
CA HIS B 54 -24.03 1.27 -13.70
C HIS B 54 -24.55 0.93 -12.29
N SER B 55 -25.56 0.08 -12.26
CA SER B 55 -26.17 -0.34 -11.01
C SER B 55 -25.53 -1.63 -10.50
N VAL B 56 -25.45 -1.76 -9.18
CA VAL B 56 -24.93 -2.95 -8.53
C VAL B 56 -26.11 -3.73 -7.97
N SER B 57 -25.89 -5.02 -7.75
CA SER B 57 -26.91 -5.86 -7.14
C SER B 57 -27.20 -5.38 -5.72
N ALA B 58 -28.42 -5.69 -5.25
CA ALA B 58 -28.88 -5.17 -3.97
C ALA B 58 -28.09 -5.71 -2.78
N ASP B 59 -27.40 -6.83 -2.94
CA ASP B 59 -26.67 -7.44 -1.83
C ASP B 59 -25.24 -6.93 -1.69
N PHE B 60 -24.77 -6.08 -2.61
CA PHE B 60 -23.39 -5.64 -2.60
C PHE B 60 -23.08 -4.85 -1.33
N MET B 61 -22.18 -5.40 -0.51
CA MET B 61 -21.64 -4.71 0.66
C MET B 61 -22.74 -4.32 1.65
N ASP B 62 -23.72 -5.19 1.83
CA ASP B 62 -24.69 -4.98 2.90
C ASP B 62 -24.04 -5.10 4.26
N ASN B 63 -22.95 -5.87 4.36
CA ASN B 63 -22.15 -5.96 5.57
C ASN B 63 -20.70 -5.73 5.20
N ARG B 64 -20.10 -4.68 5.77
CA ARG B 64 -18.69 -4.40 5.51
C ARG B 64 -17.80 -5.51 6.08
N GLU B 65 -18.17 -6.06 7.23
CA GLU B 65 -17.46 -7.16 7.87
C GLU B 65 -16.00 -6.79 8.15
N GLN B 66 -15.82 -5.68 8.86
CA GLN B 66 -14.50 -5.28 9.33
C GLN B 66 -14.30 -5.81 10.75
N PRO B 67 -13.25 -6.61 11.01
CA PRO B 67 -13.00 -7.16 12.35
C PRO B 67 -12.59 -6.09 13.35
N GLY C 18 19.13 -6.27 -6.96
CA GLY C 18 18.22 -6.72 -7.99
C GLY C 18 16.83 -7.02 -7.48
N SER C 19 15.84 -6.31 -8.01
CA SER C 19 14.46 -6.54 -7.60
C SER C 19 13.93 -7.90 -8.02
N HIS C 20 14.56 -8.53 -9.02
CA HIS C 20 14.15 -9.86 -9.47
C HIS C 20 14.93 -10.96 -8.77
N MET C 21 15.59 -10.65 -7.67
CA MET C 21 16.29 -11.63 -6.85
C MET C 21 15.50 -12.01 -5.61
N LEU C 22 14.39 -11.34 -5.34
CA LEU C 22 13.57 -11.65 -4.18
C LEU C 22 12.83 -12.96 -4.37
N LYS C 23 12.77 -13.76 -3.29
CA LYS C 23 12.11 -15.07 -3.29
C LYS C 23 11.22 -15.33 -2.07
N PHE C 24 11.54 -14.78 -0.89
CA PHE C 24 10.80 -15.09 0.32
C PHE C 24 10.18 -13.82 0.90
N MET C 25 8.97 -13.94 1.47
CA MET C 25 8.35 -12.84 2.20
C MET C 25 8.10 -13.30 3.63
N LEU C 26 8.57 -12.50 4.60
CA LEU C 26 8.47 -12.85 6.00
C LEU C 26 7.17 -12.30 6.56
N ASP C 27 6.36 -13.17 7.17
CA ASP C 27 5.15 -12.71 7.83
C ASP C 27 5.50 -12.04 9.17
N THR C 28 4.49 -11.49 9.82
CA THR C 28 4.72 -10.77 11.07
C THR C 28 5.14 -11.73 12.18
N ASN C 29 4.58 -12.94 12.20
CA ASN C 29 4.88 -13.89 13.27
C ASN C 29 6.36 -14.24 13.31
N ILE C 30 6.95 -14.54 12.14
CA ILE C 30 8.35 -14.93 12.13
C ILE C 30 9.25 -13.74 12.48
N CYS C 31 8.83 -12.53 12.17
CA CYS C 31 9.63 -11.35 12.50
C CYS C 31 9.72 -11.14 14.01
N ILE C 32 8.56 -11.18 14.68
CA ILE C 32 8.54 -11.06 16.14
C ILE C 32 9.35 -12.19 16.78
N PHE C 33 9.26 -13.38 16.20
CA PHE C 33 9.94 -14.54 16.77
C PHE C 33 11.45 -14.36 16.77
N THR C 34 12.01 -13.83 15.67
CA THR C 34 13.45 -13.69 15.56
C THR C 34 13.98 -12.45 16.25
N ILE C 35 13.19 -11.37 16.30
CA ILE C 35 13.65 -10.16 16.96
C ILE C 35 13.70 -10.35 18.47
N LYS C 36 12.72 -11.07 19.03
CA LYS C 36 12.66 -11.25 20.47
C LYS C 36 13.67 -12.29 20.95
N ASN C 37 13.88 -13.37 20.18
CA ASN C 37 14.68 -14.49 20.64
C ASN C 37 16.02 -14.63 19.95
N LYS C 38 16.17 -14.10 18.73
CA LYS C 38 17.39 -14.24 17.94
C LYS C 38 17.89 -15.68 17.91
N PRO C 39 17.09 -16.61 17.38
CA PRO C 39 17.48 -18.02 17.42
C PRO C 39 18.52 -18.35 16.36
N ALA C 40 19.31 -19.39 16.66
CA ALA C 40 20.41 -19.75 15.78
C ALA C 40 19.92 -20.38 14.48
N SER C 41 18.78 -21.08 14.51
CA SER C 41 18.29 -21.74 13.31
C SER C 41 17.88 -20.74 12.24
N VAL C 42 17.16 -19.69 12.64
CA VAL C 42 16.82 -18.64 11.68
C VAL C 42 18.07 -17.86 11.29
N ARG C 43 19.02 -17.70 12.22
CA ARG C 43 20.28 -17.03 11.90
C ARG C 43 20.99 -17.70 10.74
N GLU C 44 20.98 -19.04 10.72
CA GLU C 44 21.60 -19.77 9.62
C GLU C 44 20.88 -19.51 8.31
N ARG C 45 19.56 -19.64 8.30
CA ARG C 45 18.79 -19.46 7.08
C ARG C 45 18.80 -18.01 6.60
N PHE C 46 19.03 -17.05 7.51
CA PHE C 46 19.21 -15.67 7.07
C PHE C 46 20.51 -15.51 6.30
N ASN C 47 21.60 -16.09 6.81
CA ASN C 47 22.89 -15.99 6.13
C ASN C 47 22.85 -16.70 4.78
N LEU C 48 22.11 -17.80 4.68
CA LEU C 48 22.06 -18.55 3.43
C LEU C 48 21.31 -17.79 2.35
N ASN C 49 20.19 -17.17 2.69
CA ASN C 49 19.33 -16.48 1.75
C ASN C 49 19.45 -14.95 1.87
N GLN C 50 20.67 -14.47 2.11
CA GLN C 50 20.89 -13.03 2.23
C GLN C 50 20.58 -12.34 0.92
N GLY C 51 19.87 -11.21 1.02
CA GLY C 51 19.53 -10.41 -0.14
C GLY C 51 18.32 -10.87 -0.90
N ARG C 52 17.64 -11.93 -0.46
CA ARG C 52 16.48 -12.48 -1.17
C ARG C 52 15.23 -12.49 -0.30
N MET C 53 15.21 -11.69 0.76
CA MET C 53 14.10 -11.65 1.70
C MET C 53 13.45 -10.28 1.70
N CYS C 54 12.17 -10.24 2.04
CA CYS C 54 11.43 -8.99 2.09
C CYS C 54 10.24 -9.16 3.03
N ILE C 55 9.63 -8.03 3.38
CA ILE C 55 8.39 -8.00 4.14
C ILE C 55 7.44 -7.02 3.49
N SER C 56 6.17 -7.17 3.81
CA SER C 56 5.17 -6.22 3.34
C SER C 56 5.13 -5.01 4.28
N SER C 57 4.70 -3.87 3.73
CA SER C 57 4.50 -2.69 4.55
C SER C 57 3.45 -2.92 5.63
N VAL C 58 2.55 -3.89 5.43
CA VAL C 58 1.63 -4.30 6.47
C VAL C 58 2.41 -4.81 7.69
N THR C 59 3.43 -5.64 7.44
CA THR C 59 4.26 -6.14 8.54
C THR C 59 5.05 -5.00 9.19
N LEU C 60 5.58 -4.08 8.38
CA LEU C 60 6.30 -2.93 8.94
C LEU C 60 5.40 -2.12 9.85
N MET C 61 4.11 -2.00 9.52
CA MET C 61 3.19 -1.26 10.37
C MET C 61 3.06 -1.91 11.74
N GLU C 62 2.91 -3.24 11.77
CA GLU C 62 2.78 -3.93 13.05
C GLU C 62 4.04 -3.79 13.90
N LEU C 63 5.22 -3.85 13.27
CA LEU C 63 6.46 -3.73 14.02
C LEU C 63 6.62 -2.33 14.61
N ILE C 64 6.38 -1.29 13.80
CA ILE C 64 6.51 0.08 14.28
C ILE C 64 5.54 0.35 15.42
N TYR C 65 4.33 -0.18 15.32
CA TYR C 65 3.36 -0.03 16.40
C TYR C 65 3.82 -0.74 17.66
N GLY C 66 4.46 -1.90 17.52
CA GLY C 66 4.93 -2.63 18.68
C GLY C 66 6.02 -1.92 19.43
N ALA C 67 6.84 -1.13 18.73
CA ALA C 67 7.89 -0.37 19.40
C ALA C 67 7.35 0.90 20.02
N GLU C 68 6.43 1.59 19.33
CA GLU C 68 5.92 2.87 19.83
C GLU C 68 5.15 2.71 21.13
N LYS C 69 4.55 1.54 21.36
CA LYS C 69 3.76 1.29 22.55
C LYS C 69 4.54 0.52 23.62
N SER C 70 5.82 0.29 23.40
CA SER C 70 6.63 -0.48 24.34
C SER C 70 7.16 0.44 25.45
N GLN C 71 7.79 -0.18 26.45
CA GLN C 71 8.34 0.59 27.56
C GLN C 71 9.59 1.37 27.17
N MET C 72 10.24 1.00 26.06
CA MET C 72 11.42 1.70 25.57
C MET C 72 11.30 1.87 24.06
N PRO C 73 10.47 2.82 23.61
CA PRO C 73 10.29 2.99 22.15
C PRO C 73 11.52 3.53 21.45
N GLU C 74 12.36 4.29 22.16
CA GLU C 74 13.53 4.89 21.52
C GLU C 74 14.51 3.83 21.04
N ARG C 75 14.79 2.84 21.88
CA ARG C 75 15.76 1.81 21.51
C ARG C 75 15.15 0.64 20.76
N ASN C 76 13.84 0.42 20.88
CA ASN C 76 13.21 -0.65 20.11
C ASN C 76 13.04 -0.25 18.65
N LEU C 77 12.75 1.04 18.40
CA LEU C 77 12.68 1.52 17.03
C LEU C 77 14.05 1.44 16.35
N ALA C 78 15.12 1.67 17.10
CA ALA C 78 16.47 1.57 16.54
C ALA C 78 16.80 0.14 16.13
N VAL C 79 16.35 -0.83 16.92
CA VAL C 79 16.59 -2.24 16.57
C VAL C 79 15.80 -2.63 15.32
N ILE C 80 14.55 -2.17 15.23
CA ILE C 80 13.72 -2.54 14.09
C ILE C 80 14.25 -1.92 12.80
N GLU C 81 14.66 -0.65 12.86
CA GLU C 81 15.20 -0.01 11.67
C GLU C 81 16.49 -0.69 11.20
N GLY C 82 17.29 -1.19 12.13
CA GLY C 82 18.44 -1.99 11.75
C GLY C 82 18.05 -3.33 11.16
N PHE C 83 16.91 -3.87 11.58
CA PHE C 83 16.41 -5.11 10.99
C PHE C 83 15.89 -4.87 9.59
N VAL C 84 15.17 -3.76 9.38
CA VAL C 84 14.62 -3.45 8.07
C VAL C 84 15.73 -3.05 7.10
N SER C 85 16.86 -2.54 7.62
CA SER C 85 17.94 -2.08 6.76
C SER C 85 18.55 -3.19 5.93
N ARG C 86 18.32 -4.45 6.28
CA ARG C 86 18.93 -5.58 5.58
C ARG C 86 17.94 -6.35 4.71
N ILE C 87 16.68 -5.91 4.64
CA ILE C 87 15.69 -6.50 3.76
C ILE C 87 14.95 -5.38 3.04
N ASP C 88 14.16 -5.77 2.05
CA ASP C 88 13.36 -4.83 1.28
C ASP C 88 11.93 -4.78 1.82
N VAL C 89 11.32 -3.60 1.73
CA VAL C 89 9.93 -3.41 2.13
C VAL C 89 9.13 -3.06 0.88
N LEU C 90 8.17 -3.91 0.54
CA LEU C 90 7.34 -3.72 -0.65
C LEU C 90 6.07 -2.97 -0.29
N ASP C 91 5.64 -2.11 -1.20
CA ASP C 91 4.39 -1.37 -1.01
C ASP C 91 3.20 -2.27 -1.26
N TYR C 92 2.15 -2.08 -0.47
CA TYR C 92 0.89 -2.80 -0.65
C TYR C 92 0.12 -2.12 -1.78
N ASP C 93 0.28 -2.64 -3.00
CA ASP C 93 -0.22 -1.99 -4.20
C ASP C 93 -1.59 -2.52 -4.58
N ALA C 94 -2.02 -2.18 -5.80
CA ALA C 94 -3.36 -2.56 -6.26
C ALA C 94 -3.46 -4.06 -6.50
N ALA C 95 -2.38 -4.67 -7.01
CA ALA C 95 -2.39 -6.11 -7.23
C ALA C 95 -2.48 -6.88 -5.92
N ALA C 96 -1.76 -6.43 -4.89
CA ALA C 96 -1.84 -7.06 -3.59
C ALA C 96 -3.24 -6.91 -2.99
N ALA C 97 -3.87 -5.75 -3.20
CA ALA C 97 -5.22 -5.54 -2.71
C ALA C 97 -6.22 -6.42 -3.45
N THR C 98 -6.00 -6.64 -4.74
CA THR C 98 -6.93 -7.46 -5.52
C THR C 98 -6.88 -8.92 -5.09
N HIS C 99 -5.67 -9.45 -4.87
CA HIS C 99 -5.56 -10.85 -4.44
C HIS C 99 -6.09 -11.05 -3.02
N THR C 100 -5.95 -10.04 -2.17
CA THR C 100 -6.51 -10.15 -0.81
C THR C 100 -8.03 -10.18 -0.86
N GLY C 101 -8.64 -9.42 -1.77
CA GLY C 101 -10.09 -9.47 -1.90
C GLY C 101 -10.59 -10.82 -2.34
N GLN C 102 -9.93 -11.43 -3.32
CA GLN C 102 -10.29 -12.77 -3.75
C GLN C 102 -10.11 -13.78 -2.62
N ILE C 103 -9.04 -13.64 -1.85
CA ILE C 103 -8.75 -14.59 -0.78
C ILE C 103 -9.81 -14.51 0.32
N ARG C 104 -10.24 -13.30 0.67
CA ARG C 104 -11.25 -13.16 1.72
C ARG C 104 -12.58 -13.77 1.31
N ALA C 105 -12.90 -13.76 0.00
CA ALA C 105 -14.11 -14.42 -0.47
C ALA C 105 -13.91 -15.92 -0.59
N GLU C 106 -12.71 -16.36 -0.98
CA GLU C 106 -12.41 -17.79 -1.03
C GLU C 106 -12.51 -18.43 0.35
N LEU C 107 -12.17 -17.67 1.39
CA LEU C 107 -12.22 -18.21 2.75
C LEU C 107 -13.62 -18.15 3.35
N ALA C 108 -14.41 -17.14 2.98
CA ALA C 108 -15.77 -17.06 3.48
C ALA C 108 -16.63 -18.21 2.96
N ARG C 109 -16.36 -18.66 1.73
CA ARG C 109 -17.08 -19.81 1.18
C ARG C 109 -16.79 -21.10 1.94
N GLN C 110 -15.71 -21.13 2.72
CA GLN C 110 -15.29 -22.35 3.41
C GLN C 110 -15.32 -22.24 4.92
N GLY C 111 -15.68 -21.08 5.47
CA GLY C 111 -15.74 -20.92 6.92
C GLY C 111 -14.40 -21.06 7.61
N ARG C 112 -13.31 -20.70 6.93
CA ARG C 112 -11.98 -20.81 7.50
C ARG C 112 -11.54 -19.45 8.01
N PRO C 113 -11.31 -19.28 9.32
CA PRO C 113 -10.97 -17.96 9.86
C PRO C 113 -9.48 -17.65 9.72
N VAL C 114 -9.18 -16.46 9.20
CA VAL C 114 -7.82 -15.95 9.10
C VAL C 114 -7.83 -14.48 9.49
N GLY C 115 -6.84 -14.06 10.28
CA GLY C 115 -6.74 -12.70 10.73
C GLY C 115 -6.58 -11.70 9.59
N PRO C 116 -6.98 -10.45 9.84
CA PRO C 116 -6.99 -9.47 8.74
C PRO C 116 -5.59 -9.10 8.25
N PHE C 117 -4.64 -8.90 9.14
CA PHE C 117 -3.28 -8.58 8.71
C PHE C 117 -2.65 -9.75 7.97
N ASP C 118 -2.87 -10.98 8.46
CA ASP C 118 -2.36 -12.15 7.77
C ASP C 118 -3.02 -12.34 6.42
N GLN C 119 -4.29 -11.93 6.29
CA GLN C 119 -4.96 -12.02 5.00
C GLN C 119 -4.31 -11.09 3.98
N MET C 120 -3.92 -9.88 4.40
CA MET C 120 -3.27 -8.96 3.49
C MET C 120 -1.85 -9.40 3.15
N ILE C 121 -1.16 -10.04 4.10
CA ILE C 121 0.18 -10.55 3.83
C ILE C 121 0.13 -11.67 2.80
N ALA C 122 -0.85 -12.55 2.92
CA ALA C 122 -0.97 -13.67 1.98
C ALA C 122 -1.30 -13.18 0.58
N GLY C 123 -2.23 -12.24 0.46
CA GLY C 123 -2.57 -11.69 -0.85
C GLY C 123 -1.43 -10.93 -1.48
N HIS C 124 -0.61 -10.28 -0.66
CA HIS C 124 0.55 -9.55 -1.19
C HIS C 124 1.58 -10.50 -1.79
N ALA C 125 1.76 -11.67 -1.17
CA ALA C 125 2.74 -12.62 -1.68
C ALA C 125 2.21 -13.40 -2.87
N ARG C 126 0.91 -13.72 -2.87
CA ARG C 126 0.34 -14.45 -4.01
C ARG C 126 0.30 -13.58 -5.26
N SER C 127 0.24 -12.26 -5.09
CA SER C 127 0.22 -11.37 -6.24
C SER C 127 1.54 -11.34 -6.99
N ARG C 128 2.64 -11.77 -6.35
CA ARG C 128 3.95 -11.76 -6.98
C ARG C 128 4.71 -13.07 -6.83
N GLY C 129 4.03 -14.14 -6.44
CA GLY C 129 4.63 -15.47 -6.43
C GLY C 129 5.72 -15.68 -5.39
N LEU C 130 5.66 -14.96 -4.28
CA LEU C 130 6.65 -15.09 -3.22
C LEU C 130 6.26 -16.22 -2.26
N ILE C 131 7.29 -16.88 -1.72
CA ILE C 131 7.07 -17.93 -0.73
C ILE C 131 6.96 -17.29 0.64
N ILE C 132 5.93 -17.67 1.39
CA ILE C 132 5.69 -17.12 2.71
C ILE C 132 6.54 -17.89 3.73
N VAL C 133 7.37 -17.18 4.48
CA VAL C 133 8.08 -17.74 5.62
C VAL C 133 7.31 -17.35 6.87
N THR C 134 6.75 -18.35 7.56
CA THR C 134 5.87 -18.09 8.68
C THR C 134 6.16 -19.06 9.82
N ASN C 135 5.82 -18.63 11.03
CA ASN C 135 5.94 -19.49 12.20
C ASN C 135 4.74 -20.42 12.33
N ASN C 136 3.56 -19.97 11.91
CA ASN C 136 2.32 -20.73 11.99
C ASN C 136 1.87 -21.06 10.57
N THR C 137 2.39 -22.17 10.04
CA THR C 137 1.99 -22.60 8.70
C THR C 137 0.56 -23.11 8.64
N ARG C 138 0.01 -23.54 9.77
CA ARG C 138 -1.34 -24.09 9.78
C ARG C 138 -2.40 -23.04 9.46
N GLU C 139 -2.10 -21.76 9.64
CA GLU C 139 -3.08 -20.72 9.34
C GLU C 139 -3.03 -20.32 7.88
N PHE C 140 -1.84 -20.31 7.28
CA PHE C 140 -1.70 -19.89 5.88
C PHE C 140 -2.00 -21.00 4.90
N GLU C 141 -2.02 -22.26 5.34
CA GLU C 141 -2.28 -23.38 4.43
C GLU C 141 -3.74 -23.46 4.00
N ARG C 142 -4.61 -22.59 4.52
CA ARG C 142 -6.00 -22.53 4.08
C ARG C 142 -6.19 -21.66 2.85
N VAL C 143 -5.11 -21.07 2.33
CA VAL C 143 -5.17 -20.16 1.20
C VAL C 143 -4.80 -20.92 -0.07
N GLY C 144 -5.56 -20.71 -1.14
CA GLY C 144 -5.30 -21.41 -2.38
C GLY C 144 -4.16 -20.79 -3.15
N GLY C 145 -3.33 -21.64 -3.74
CA GLY C 145 -2.20 -21.21 -4.55
C GLY C 145 -1.16 -20.42 -3.78
N LEU C 146 -0.68 -20.98 -2.68
CA LEU C 146 0.30 -20.30 -1.84
C LEU C 146 1.27 -21.31 -1.25
N ARG C 147 2.56 -21.03 -1.36
CA ARG C 147 3.60 -21.87 -0.79
C ARG C 147 4.10 -21.26 0.51
N THR C 148 4.38 -22.12 1.49
CA THR C 148 4.85 -21.69 2.80
C THR C 148 6.08 -22.52 3.21
N GLU C 149 6.89 -21.92 4.08
CA GLU C 149 8.05 -22.59 4.66
C GLU C 149 8.21 -22.12 6.10
N ASP C 150 8.61 -23.05 6.98
CA ASP C 150 8.78 -22.78 8.40
C ASP C 150 10.27 -22.82 8.73
N TRP C 151 10.85 -21.64 8.96
CA TRP C 151 12.28 -21.51 9.22
C TRP C 151 12.62 -21.52 10.71
N SER C 152 11.65 -21.75 11.58
CA SER C 152 11.87 -21.71 13.02
C SER C 152 12.88 -22.76 13.47
N MET D 21 -2.03 18.16 -6.88
CA MET D 21 -3.42 18.60 -6.99
C MET D 21 -4.34 17.66 -6.20
N LEU D 22 -3.74 16.64 -5.60
CA LEU D 22 -4.49 15.69 -4.78
C LEU D 22 -4.83 16.32 -3.44
N LYS D 23 -6.09 16.20 -3.03
CA LYS D 23 -6.52 16.88 -1.80
C LYS D 23 -7.33 16.00 -0.87
N PHE D 24 -8.19 15.13 -1.41
CA PHE D 24 -9.10 14.34 -0.59
C PHE D 24 -8.81 12.85 -0.72
N MET D 25 -8.96 12.12 0.38
CA MET D 25 -8.90 10.67 0.37
C MET D 25 -10.24 10.14 0.87
N LEU D 26 -10.89 9.33 0.04
CA LEU D 26 -12.20 8.78 0.36
C LEU D 26 -12.05 7.49 1.15
N ASP D 27 -12.75 7.41 2.29
CA ASP D 27 -12.68 6.20 3.11
C ASP D 27 -13.61 5.13 2.53
N THR D 28 -13.60 3.95 3.15
CA THR D 28 -14.40 2.84 2.64
C THR D 28 -15.89 3.10 2.83
N ASN D 29 -16.27 3.70 3.96
CA ASN D 29 -17.69 3.89 4.26
C ASN D 29 -18.35 4.81 3.25
N ILE D 30 -17.65 5.85 2.79
CA ILE D 30 -18.26 6.77 1.84
C ILE D 30 -18.38 6.12 0.46
N CYS D 31 -17.52 5.14 0.15
CA CYS D 31 -17.60 4.47 -1.14
C CYS D 31 -18.78 3.52 -1.18
N ILE D 32 -18.95 2.72 -0.13
CA ILE D 32 -20.13 1.86 -0.04
C ILE D 32 -21.40 2.69 -0.07
N PHE D 33 -21.39 3.80 0.68
CA PHE D 33 -22.53 4.71 0.72
C PHE D 33 -22.87 5.24 -0.67
N THR D 34 -21.85 5.54 -1.48
CA THR D 34 -22.07 6.13 -2.79
C THR D 34 -22.44 5.08 -3.83
N ILE D 35 -21.79 3.92 -3.78
CA ILE D 35 -22.00 2.91 -4.83
C ILE D 35 -23.38 2.28 -4.69
N LYS D 36 -23.82 2.02 -3.46
CA LYS D 36 -25.10 1.35 -3.25
C LYS D 36 -26.28 2.27 -3.56
N ASN D 37 -26.23 3.50 -3.08
CA ASN D 37 -27.40 4.38 -3.10
C ASN D 37 -27.34 5.46 -4.17
N LYS D 38 -26.15 5.87 -4.61
CA LYS D 38 -25.98 6.87 -5.66
C LYS D 38 -26.67 8.17 -5.30
N PRO D 39 -26.24 8.88 -4.26
CA PRO D 39 -26.97 10.08 -3.83
C PRO D 39 -26.74 11.26 -4.75
N ALA D 40 -27.75 12.14 -4.80
CA ALA D 40 -27.66 13.31 -5.66
C ALA D 40 -26.68 14.33 -5.10
N SER D 41 -26.66 14.51 -3.77
CA SER D 41 -25.75 15.48 -3.17
C SER D 41 -24.29 15.06 -3.34
N VAL D 42 -24.02 13.76 -3.41
CA VAL D 42 -22.65 13.32 -3.62
C VAL D 42 -22.22 13.51 -5.07
N ARG D 43 -23.17 13.41 -6.01
CA ARG D 43 -22.83 13.57 -7.42
C ARG D 43 -22.28 14.97 -7.71
N GLU D 44 -22.89 16.00 -7.11
CA GLU D 44 -22.39 17.35 -7.34
C GLU D 44 -21.08 17.59 -6.60
N ARG D 45 -20.87 16.94 -5.45
CA ARG D 45 -19.60 17.05 -4.76
C ARG D 45 -18.47 16.36 -5.55
N PHE D 46 -18.80 15.30 -6.28
CA PHE D 46 -17.78 14.61 -7.08
C PHE D 46 -17.43 15.41 -8.33
N ASN D 47 -18.43 15.94 -9.03
CA ASN D 47 -18.18 16.67 -10.27
C ASN D 47 -17.34 17.92 -10.02
N LEU D 48 -17.52 18.58 -8.88
CA LEU D 48 -16.78 19.81 -8.60
C LEU D 48 -15.33 19.51 -8.21
N ASN D 49 -15.09 18.42 -7.49
CA ASN D 49 -13.76 18.08 -7.01
C ASN D 49 -13.09 17.00 -7.86
N GLN D 50 -13.51 16.83 -9.11
CA GLN D 50 -12.90 15.83 -9.98
C GLN D 50 -11.42 16.16 -10.20
N GLY D 51 -10.59 15.12 -10.19
CA GLY D 51 -9.16 15.28 -10.36
C GLY D 51 -8.38 15.50 -9.08
N ARG D 52 -9.06 15.59 -7.94
CA ARG D 52 -8.41 15.82 -6.66
C ARG D 52 -8.80 14.77 -5.62
N MET D 53 -9.35 13.64 -6.07
CA MET D 53 -9.82 12.59 -5.17
C MET D 53 -9.01 11.32 -5.35
N CYS D 54 -8.96 10.50 -4.31
CA CYS D 54 -8.22 9.25 -4.35
C CYS D 54 -8.71 8.36 -3.20
N ILE D 55 -8.30 7.09 -3.26
CA ILE D 55 -8.55 6.13 -2.19
C ILE D 55 -7.28 5.36 -1.91
N SER D 56 -7.18 4.84 -0.69
CA SER D 56 -6.08 3.94 -0.36
C SER D 56 -6.35 2.57 -0.95
N SER D 57 -5.26 1.83 -1.23
CA SER D 57 -5.41 0.47 -1.73
C SER D 57 -6.09 -0.44 -0.71
N VAL D 58 -6.08 -0.06 0.57
CA VAL D 58 -6.84 -0.79 1.57
C VAL D 58 -8.33 -0.73 1.26
N THR D 59 -8.81 0.44 0.84
CA THR D 59 -10.21 0.57 0.45
C THR D 59 -10.50 -0.22 -0.82
N LEU D 60 -9.56 -0.23 -1.76
CA LEU D 60 -9.73 -1.06 -2.95
C LEU D 60 -9.84 -2.54 -2.59
N MET D 61 -9.10 -2.96 -1.57
CA MET D 61 -9.20 -4.35 -1.11
C MET D 61 -10.60 -4.66 -0.60
N GLU D 62 -11.19 -3.74 0.15
CA GLU D 62 -12.52 -3.99 0.70
C GLU D 62 -13.59 -3.98 -0.38
N LEU D 63 -13.46 -3.10 -1.37
CA LEU D 63 -14.43 -3.04 -2.46
C LEU D 63 -14.39 -4.31 -3.29
N ILE D 64 -13.19 -4.78 -3.64
CA ILE D 64 -13.05 -5.99 -4.44
C ILE D 64 -13.58 -7.21 -3.67
N TYR D 65 -13.34 -7.24 -2.36
CA TYR D 65 -13.89 -8.33 -1.54
C TYR D 65 -15.40 -8.34 -1.58
N GLY D 66 -16.03 -7.17 -1.49
CA GLY D 66 -17.48 -7.11 -1.51
C GLY D 66 -18.07 -7.61 -2.82
N ALA D 67 -17.37 -7.38 -3.93
CA ALA D 67 -17.87 -7.83 -5.22
C ALA D 67 -17.69 -9.33 -5.38
N GLU D 68 -16.58 -9.88 -4.89
CA GLU D 68 -16.28 -11.29 -5.09
C GLU D 68 -17.19 -12.19 -4.27
N LYS D 69 -17.69 -11.71 -3.13
CA LYS D 69 -18.60 -12.50 -2.30
C LYS D 69 -20.06 -12.27 -2.65
N SER D 70 -20.36 -11.32 -3.52
CA SER D 70 -21.74 -11.00 -3.86
C SER D 70 -22.30 -12.03 -4.84
N GLN D 71 -23.56 -11.85 -5.20
CA GLN D 71 -24.24 -12.77 -6.11
C GLN D 71 -23.99 -12.47 -7.58
N MET D 72 -23.47 -11.28 -7.91
CA MET D 72 -23.13 -10.92 -9.28
C MET D 72 -21.75 -10.27 -9.27
N PRO D 73 -20.69 -11.08 -9.18
CA PRO D 73 -19.35 -10.49 -9.04
C PRO D 73 -18.88 -9.72 -10.26
N GLU D 74 -19.12 -10.26 -11.47
CA GLU D 74 -18.63 -9.60 -12.67
C GLU D 74 -19.34 -8.27 -12.90
N ARG D 75 -20.65 -8.23 -12.70
CA ARG D 75 -21.39 -6.99 -12.85
C ARG D 75 -20.93 -5.95 -11.83
N ASN D 76 -20.69 -6.37 -10.59
CA ASN D 76 -20.29 -5.42 -9.57
C ASN D 76 -18.85 -4.98 -9.74
N LEU D 77 -17.97 -5.85 -10.24
CA LEU D 77 -16.60 -5.43 -10.55
C LEU D 77 -16.58 -4.41 -11.67
N ALA D 78 -17.54 -4.47 -12.59
CA ALA D 78 -17.61 -3.49 -13.67
C ALA D 78 -17.94 -2.11 -13.13
N VAL D 79 -18.85 -2.03 -12.15
CA VAL D 79 -19.18 -0.74 -11.56
C VAL D 79 -18.01 -0.17 -10.78
N ILE D 80 -17.23 -1.05 -10.12
CA ILE D 80 -16.05 -0.59 -9.39
C ILE D 80 -15.00 -0.07 -10.35
N GLU D 81 -14.86 -0.70 -11.52
CA GLU D 81 -13.85 -0.27 -12.48
C GLU D 81 -14.12 1.15 -12.97
N GLY D 82 -15.38 1.46 -13.28
CA GLY D 82 -15.71 2.81 -13.69
C GLY D 82 -15.50 3.83 -12.58
N PHE D 83 -15.73 3.43 -11.32
CA PHE D 83 -15.46 4.29 -10.19
C PHE D 83 -13.97 4.52 -10.01
N VAL D 84 -13.17 3.45 -10.11
CA VAL D 84 -11.74 3.56 -9.87
C VAL D 84 -11.06 4.32 -11.01
N SER D 85 -11.54 4.13 -12.24
CA SER D 85 -10.92 4.76 -13.40
C SER D 85 -11.00 6.28 -13.38
N ARG D 86 -11.82 6.86 -12.51
CA ARG D 86 -11.97 8.30 -12.42
C ARG D 86 -11.18 8.93 -11.27
N ILE D 87 -10.56 8.11 -10.43
CA ILE D 87 -9.75 8.59 -9.32
C ILE D 87 -8.40 7.88 -9.35
N ASP D 88 -7.55 8.23 -8.39
CA ASP D 88 -6.25 7.60 -8.21
C ASP D 88 -6.30 6.63 -7.03
N VAL D 89 -5.54 5.55 -7.15
CA VAL D 89 -5.41 4.55 -6.09
C VAL D 89 -3.98 4.62 -5.57
N LEU D 90 -3.82 4.96 -4.31
CA LEU D 90 -2.50 5.14 -3.72
C LEU D 90 -2.04 3.86 -3.04
N ASP D 91 -0.76 3.54 -3.24
CA ASP D 91 -0.16 2.37 -2.61
C ASP D 91 0.13 2.66 -1.13
N TYR D 92 -0.10 1.66 -0.30
CA TYR D 92 0.16 1.74 1.13
C TYR D 92 1.64 1.47 1.35
N ASP D 93 2.43 2.54 1.41
CA ASP D 93 3.88 2.43 1.41
C ASP D 93 4.43 2.52 2.84
N ALA D 94 5.76 2.66 2.95
CA ALA D 94 6.41 2.64 4.26
C ALA D 94 6.01 3.83 5.11
N ALA D 95 5.85 5.00 4.49
CA ALA D 95 5.44 6.18 5.25
C ALA D 95 4.03 6.02 5.80
N ALA D 96 3.12 5.47 5.00
CA ALA D 96 1.75 5.23 5.48
C ALA D 96 1.74 4.24 6.62
N ALA D 97 2.54 3.18 6.52
CA ALA D 97 2.63 2.22 7.63
C ALA D 97 3.26 2.86 8.86
N THR D 98 4.13 3.84 8.68
CA THR D 98 4.77 4.49 9.81
C THR D 98 3.76 5.32 10.60
N HIS D 99 2.98 6.15 9.90
CA HIS D 99 1.98 6.97 10.57
C HIS D 99 0.90 6.10 11.21
N THR D 100 0.57 4.97 10.58
CA THR D 100 -0.43 4.07 11.14
C THR D 100 0.05 3.46 12.44
N GLY D 101 1.35 3.14 12.53
CA GLY D 101 1.88 2.62 13.77
C GLY D 101 1.84 3.64 14.89
N GLN D 102 2.12 4.90 14.58
CA GLN D 102 2.04 5.96 15.59
C GLN D 102 0.61 6.18 16.05
N ILE D 103 -0.34 6.20 15.11
CA ILE D 103 -1.74 6.43 15.45
C ILE D 103 -2.26 5.30 16.34
N ARG D 104 -1.91 4.05 16.01
CA ARG D 104 -2.36 2.93 16.82
C ARG D 104 -1.86 3.05 18.26
N ALA D 105 -0.65 3.57 18.45
CA ALA D 105 -0.15 3.78 19.80
C ALA D 105 -0.85 4.96 20.47
N GLU D 106 -1.05 6.05 19.71
CA GLU D 106 -1.76 7.21 20.25
C GLU D 106 -3.17 6.84 20.70
N LEU D 107 -3.82 5.94 19.96
CA LEU D 107 -5.15 5.49 20.33
C LEU D 107 -5.14 4.52 21.50
N ALA D 108 -4.04 3.80 21.69
CA ALA D 108 -3.98 2.83 22.80
C ALA D 108 -3.88 3.51 24.15
N ARG D 109 -3.24 4.68 24.22
CA ARG D 109 -3.13 5.40 25.48
C ARG D 109 -4.49 5.87 26.00
N GLN D 110 -5.49 5.96 25.13
CA GLN D 110 -6.86 6.24 25.52
C GLN D 110 -7.69 4.97 25.44
N GLY D 111 -8.99 5.11 25.67
CA GLY D 111 -9.91 4.02 25.50
C GLY D 111 -10.71 4.17 24.21
N ARG D 112 -10.01 4.42 23.11
CA ARG D 112 -10.64 4.69 21.83
C ARG D 112 -10.46 3.49 20.90
N PRO D 113 -11.50 2.68 20.68
CA PRO D 113 -11.38 1.57 19.72
C PRO D 113 -11.64 2.00 18.29
N VAL D 114 -10.73 1.65 17.38
CA VAL D 114 -10.86 1.97 15.96
C VAL D 114 -10.56 0.71 15.16
N GLY D 115 -11.31 0.51 14.08
CA GLY D 115 -11.15 -0.66 13.24
C GLY D 115 -9.79 -0.72 12.56
N PRO D 116 -9.33 -1.93 12.24
CA PRO D 116 -7.98 -2.06 11.66
C PRO D 116 -7.88 -1.47 10.27
N PHE D 117 -8.91 -1.62 9.44
CA PHE D 117 -8.86 -1.03 8.10
C PHE D 117 -8.95 0.49 8.17
N ASP D 118 -9.78 1.01 9.09
CA ASP D 118 -9.88 2.46 9.24
C ASP D 118 -8.61 3.06 9.82
N GLN D 119 -7.91 2.31 10.67
CA GLN D 119 -6.63 2.80 11.20
C GLN D 119 -5.62 2.97 10.08
N MET D 120 -5.51 1.97 9.19
CA MET D 120 -4.57 2.06 8.08
C MET D 120 -4.94 3.16 7.10
N ILE D 121 -6.24 3.38 6.91
CA ILE D 121 -6.68 4.43 5.99
C ILE D 121 -6.35 5.81 6.57
N ALA D 122 -6.52 5.98 7.88
CA ALA D 122 -6.23 7.25 8.52
C ALA D 122 -4.74 7.56 8.46
N GLY D 123 -3.89 6.60 8.83
CA GLY D 123 -2.46 6.81 8.76
C GLY D 123 -1.96 7.04 7.34
N HIS D 124 -2.66 6.47 6.35
CA HIS D 124 -2.28 6.70 4.96
C HIS D 124 -2.53 8.15 4.56
N ALA D 125 -3.67 8.71 4.97
CA ALA D 125 -3.97 10.10 4.64
C ALA D 125 -3.06 11.07 5.36
N ARG D 126 -2.72 10.77 6.62
CA ARG D 126 -1.84 11.66 7.37
C ARG D 126 -0.43 11.67 6.79
N SER D 127 0.03 10.52 6.27
CA SER D 127 1.36 10.45 5.67
C SER D 127 1.44 11.25 4.38
N ARG D 128 0.31 11.59 3.78
CA ARG D 128 0.27 12.35 2.54
C ARG D 128 -0.35 13.73 2.70
N GLY D 129 -0.77 14.09 3.91
CA GLY D 129 -1.36 15.40 4.13
C GLY D 129 -2.68 15.60 3.42
N LEU D 130 -3.52 14.56 3.41
CA LEU D 130 -4.80 14.60 2.72
C LEU D 130 -5.94 14.69 3.73
N ILE D 131 -7.10 15.13 3.23
CA ILE D 131 -8.29 15.27 4.05
C ILE D 131 -9.15 14.02 3.88
N ILE D 132 -9.59 13.46 4.99
CA ILE D 132 -10.42 12.26 4.97
C ILE D 132 -11.86 12.65 4.70
N VAL D 133 -12.41 12.18 3.59
CA VAL D 133 -13.82 12.31 3.26
C VAL D 133 -14.52 11.02 3.67
N THR D 134 -15.53 11.12 4.53
CA THR D 134 -16.14 9.95 5.12
C THR D 134 -17.65 10.09 5.17
N ASN D 135 -18.30 8.99 5.56
CA ASN D 135 -19.75 8.88 5.65
C ASN D 135 -20.27 9.32 7.02
N ASN D 136 -19.53 9.01 8.08
CA ASN D 136 -19.85 9.47 9.43
C ASN D 136 -18.53 9.81 10.12
N THR D 137 -18.34 11.10 10.44
CA THR D 137 -17.05 11.60 10.89
C THR D 137 -16.68 11.19 12.31
N ARG D 138 -17.59 10.59 13.07
CA ARG D 138 -17.34 10.36 14.49
C ARG D 138 -16.38 9.21 14.77
N GLU D 139 -16.03 8.40 13.76
CA GLU D 139 -15.04 7.34 13.99
C GLU D 139 -13.62 7.80 13.70
N PHE D 140 -13.45 8.76 12.80
CA PHE D 140 -12.17 9.42 12.58
C PHE D 140 -11.98 10.62 13.50
N GLU D 141 -12.87 10.81 14.48
CA GLU D 141 -12.84 12.01 15.31
C GLU D 141 -11.67 12.00 16.29
N ARG D 142 -11.24 10.81 16.72
CA ARG D 142 -10.32 10.67 17.84
C ARG D 142 -8.86 10.58 17.41
N VAL D 143 -8.56 10.66 16.12
CA VAL D 143 -7.19 10.58 15.63
C VAL D 143 -6.61 11.98 15.55
N GLY D 144 -5.38 12.14 16.04
CA GLY D 144 -4.76 13.45 16.10
C GLY D 144 -3.93 13.74 14.87
N GLY D 145 -4.13 14.93 14.31
CA GLY D 145 -3.29 15.42 13.22
C GLY D 145 -3.86 15.27 11.83
N LEU D 146 -5.16 15.05 11.69
CA LEU D 146 -5.77 14.96 10.36
C LEU D 146 -7.15 15.59 10.39
N ARG D 147 -7.56 16.12 9.24
CA ARG D 147 -8.83 16.79 9.08
C ARG D 147 -9.83 15.88 8.37
N THR D 148 -11.11 16.01 8.74
CA THR D 148 -12.17 15.18 8.19
C THR D 148 -13.30 16.06 7.68
N GLU D 149 -14.03 15.53 6.70
CA GLU D 149 -15.21 16.20 6.16
C GLU D 149 -16.32 15.18 5.98
N ASP D 150 -17.56 15.64 6.13
CA ASP D 150 -18.75 14.80 6.01
C ASP D 150 -19.45 15.16 4.71
N TRP D 151 -19.42 14.25 3.74
CA TRP D 151 -20.06 14.44 2.45
C TRP D 151 -21.37 13.68 2.32
N SER D 152 -21.98 13.29 3.44
CA SER D 152 -23.22 12.53 3.41
C SER D 152 -24.37 13.39 2.90
#